data_5U2C
#
_entry.id   5U2C
#
_cell.length_a   88.139
_cell.length_b   88.139
_cell.length_c   98.655
_cell.angle_alpha   90.00
_cell.angle_beta   90.00
_cell.angle_gamma   120.00
#
_symmetry.space_group_name_H-M   'P 31 2 1'
#
loop_
_entity.id
_entity.type
_entity.pdbx_description
1 polymer 'Bromodomain-containing protein 4'
2 non-polymer N-hydroxy-4-[5-(morpholin-4-yl)-7-oxo-7H-thieno[3,2-b]pyran-3-yl]benzamide
#
_entity_poly.entity_id   1
_entity_poly.type   'polypeptide(L)'
_entity_poly.pdbx_seq_one_letter_code
;GGGILPAPEKSSKVSEQLKCCSGILKEMFAKKHAAYAWPFYKPVDVEALGLHDYCDIIKHPMDMSTIKSKLEAREYRDAQ
EFGADVRLMFSNCYKYNPPDHEVVAMARKLQDVFEMRFAKMPDE
;
_entity_poly.pdbx_strand_id   A,B
#
# COMPACT_ATOMS: atom_id res chain seq x y z
N GLY A 3 -29.54 -12.56 -30.51
CA GLY A 3 -28.45 -13.37 -31.03
C GLY A 3 -27.11 -12.64 -30.91
N ILE A 4 -27.14 -11.34 -31.12
CA ILE A 4 -25.96 -10.51 -30.92
C ILE A 4 -25.86 -10.06 -29.47
N LEU A 5 -26.95 -9.47 -28.98
CA LEU A 5 -27.04 -8.87 -27.66
C LEU A 5 -26.34 -9.70 -26.59
N PRO A 6 -25.20 -9.20 -26.11
CA PRO A 6 -24.46 -9.86 -25.02
C PRO A 6 -24.89 -9.33 -23.66
N ALA A 7 -25.16 -8.03 -23.60
CA ALA A 7 -25.41 -7.33 -22.33
C ALA A 7 -24.40 -7.76 -21.27
N PRO A 8 -23.12 -7.85 -21.65
CA PRO A 8 -22.11 -8.43 -20.76
C PRO A 8 -21.30 -7.36 -20.05
N GLU A 9 -20.93 -7.63 -18.81
CA GLU A 9 -20.07 -6.72 -18.07
C GLU A 9 -19.75 -7.29 -16.71
N LYS A 10 -18.51 -7.06 -16.27
CA LYS A 10 -18.20 -7.20 -14.86
C LYS A 10 -19.27 -6.42 -14.12
N SER A 11 -20.02 -7.10 -13.26
CA SER A 11 -21.24 -6.54 -12.68
C SER A 11 -20.96 -5.33 -11.80
N SER A 12 -21.97 -4.86 -11.09
CA SER A 12 -21.80 -3.77 -10.15
C SER A 12 -20.79 -4.18 -9.09
N LYS A 13 -21.27 -4.68 -7.95
CA LYS A 13 -20.41 -5.09 -6.84
C LYS A 13 -19.35 -4.04 -6.47
N VAL A 14 -18.72 -3.46 -7.50
CA VAL A 14 -17.79 -2.36 -7.32
C VAL A 14 -18.47 -1.25 -6.54
N SER A 15 -19.80 -1.18 -6.64
CA SER A 15 -20.57 -0.30 -5.78
C SER A 15 -20.28 -0.68 -4.33
N GLU A 16 -20.31 -1.99 -4.05
CA GLU A 16 -19.98 -2.50 -2.73
C GLU A 16 -18.52 -2.26 -2.38
N GLN A 17 -17.67 -2.18 -3.39
CA GLN A 17 -16.27 -1.82 -3.17
C GLN A 17 -16.14 -0.36 -2.79
N LEU A 18 -16.58 0.50 -3.70
CA LEU A 18 -16.49 1.95 -3.52
C LEU A 18 -17.25 2.38 -2.27
N LYS A 19 -18.31 1.63 -1.94
CA LYS A 19 -19.02 1.84 -0.69
C LYS A 19 -18.13 1.44 0.49
N CYS A 20 -17.46 0.30 0.35
CA CYS A 20 -16.57 -0.17 1.42
C CYS A 20 -15.34 0.72 1.45
N CYS A 21 -14.89 1.14 0.27
CA CYS A 21 -13.78 2.09 0.18
C CYS A 21 -14.14 3.38 0.90
N SER A 22 -15.44 3.68 0.91
CA SER A 22 -15.97 4.84 1.60
C SER A 22 -15.77 4.70 3.10
N GLY A 23 -16.53 3.79 3.72
CA GLY A 23 -16.53 3.59 5.15
C GLY A 23 -15.13 3.53 5.75
N ILE A 24 -14.19 3.04 4.95
CA ILE A 24 -12.78 3.08 5.31
C ILE A 24 -12.39 4.52 5.56
N LEU A 25 -12.55 5.34 4.54
CA LEU A 25 -12.26 6.77 4.61
C LEU A 25 -13.08 7.41 5.70
N LYS A 26 -14.32 6.98 5.83
CA LYS A 26 -15.21 7.48 6.88
C LYS A 26 -14.65 7.08 8.24
N GLU A 27 -14.06 5.89 8.29
CA GLU A 27 -13.38 5.42 9.49
C GLU A 27 -12.04 6.12 9.61
N MET A 28 -11.42 6.43 8.47
CA MET A 28 -10.13 7.12 8.45
C MET A 28 -10.26 8.56 8.96
N PHE A 29 -11.46 9.12 8.83
CA PHE A 29 -11.73 10.46 9.33
C PHE A 29 -12.16 10.42 10.80
N ALA A 30 -12.23 9.22 11.35
CA ALA A 30 -12.76 9.01 12.70
C ALA A 30 -12.01 9.85 13.73
N LYS A 31 -12.70 10.17 14.82
CA LYS A 31 -12.16 11.04 15.85
C LYS A 31 -11.00 10.38 16.59
N LYS A 32 -11.08 9.05 16.74
CA LYS A 32 -10.03 8.29 17.40
C LYS A 32 -8.71 8.33 16.64
N HIS A 33 -8.80 8.44 15.32
CA HIS A 33 -7.63 8.46 14.47
C HIS A 33 -7.24 9.90 14.15
N ALA A 34 -7.96 10.84 14.75
CA ALA A 34 -7.71 12.26 14.54
C ALA A 34 -6.30 12.64 14.96
N ALA A 35 -5.76 11.94 15.96
CA ALA A 35 -4.46 12.28 16.54
C ALA A 35 -3.34 12.24 15.50
N TYR A 36 -3.56 11.53 14.40
CA TYR A 36 -2.56 11.42 13.33
C TYR A 36 -3.16 11.56 11.93
N ALA A 37 -4.48 11.77 11.86
CA ALA A 37 -5.15 11.90 10.57
C ALA A 37 -5.34 13.36 10.15
N TRP A 38 -5.25 14.28 11.11
CA TRP A 38 -5.61 15.67 10.88
C TRP A 38 -4.75 16.41 9.85
N PRO A 39 -3.45 16.06 9.75
CA PRO A 39 -2.69 16.79 8.73
C PRO A 39 -3.17 16.45 7.32
N PHE A 40 -3.66 15.23 7.15
CA PHE A 40 -3.97 14.71 5.83
C PHE A 40 -5.43 14.94 5.46
N TYR A 41 -6.14 15.68 6.30
CA TYR A 41 -7.54 15.98 6.04
C TYR A 41 -7.68 16.87 4.81
N LYS A 42 -6.86 17.91 4.74
CA LYS A 42 -6.93 18.84 3.61
C LYS A 42 -5.58 18.96 2.93
N PRO A 43 -5.59 19.42 1.66
CA PRO A 43 -4.37 19.59 0.86
C PRO A 43 -3.32 20.43 1.59
N VAL A 44 -2.05 20.10 1.39
CA VAL A 44 -0.96 20.81 2.06
C VAL A 44 -0.87 22.24 1.56
N ASP A 45 -0.86 23.20 2.48
CA ASP A 45 -0.71 24.60 2.12
C ASP A 45 0.78 24.91 2.07
N VAL A 46 1.39 24.69 0.90
CA VAL A 46 2.81 24.95 0.71
C VAL A 46 3.18 26.36 1.12
N GLU A 47 2.26 27.30 0.91
CA GLU A 47 2.49 28.69 1.26
C GLU A 47 2.50 28.89 2.78
N ALA A 48 1.39 28.55 3.42
CA ALA A 48 1.24 28.68 4.86
C ALA A 48 2.25 27.80 5.58
N LEU A 49 2.55 26.65 4.97
CA LEU A 49 3.52 25.71 5.52
C LEU A 49 4.93 26.04 5.03
N GLY A 50 5.03 26.97 4.08
CA GLY A 50 6.31 27.43 3.59
C GLY A 50 7.09 26.34 2.88
N LEU A 51 6.38 25.34 2.40
CA LEU A 51 7.02 24.20 1.74
C LEU A 51 7.49 24.61 0.35
N HIS A 52 8.67 25.23 0.32
CA HIS A 52 9.21 25.85 -0.89
C HIS A 52 9.36 24.87 -2.05
N ASP A 53 9.77 23.65 -1.76
CA ASP A 53 10.14 22.69 -2.80
C ASP A 53 9.14 21.54 -2.94
N TYR A 54 8.05 21.57 -2.16
CA TYR A 54 7.06 20.50 -2.21
C TYR A 54 6.47 20.35 -3.60
N CYS A 55 6.44 21.45 -4.35
CA CYS A 55 5.93 21.42 -5.72
C CYS A 55 6.93 20.83 -6.70
N ASP A 56 8.22 21.07 -6.46
CA ASP A 56 9.26 20.54 -7.35
C ASP A 56 9.38 19.03 -7.22
N ILE A 57 9.03 18.52 -6.04
CA ILE A 57 9.15 17.09 -5.77
C ILE A 57 7.80 16.37 -5.92
N ILE A 58 6.82 16.79 -5.13
CA ILE A 58 5.54 16.10 -5.14
C ILE A 58 4.81 16.49 -6.42
N LYS A 59 4.95 15.65 -7.43
CA LYS A 59 4.40 15.92 -8.75
C LYS A 59 2.89 15.69 -8.77
N HIS A 60 2.42 14.92 -7.80
CA HIS A 60 1.02 14.57 -7.73
C HIS A 60 0.61 14.44 -6.27
N PRO A 61 0.44 15.58 -5.59
CA PRO A 61 0.03 15.60 -4.18
C PRO A 61 -1.39 15.07 -4.00
N MET A 62 -1.69 14.57 -2.81
CA MET A 62 -3.02 14.07 -2.52
C MET A 62 -3.39 14.29 -1.05
N ASP A 63 -4.69 14.45 -0.81
CA ASP A 63 -5.20 14.63 0.54
C ASP A 63 -6.46 13.78 0.70
N MET A 64 -6.89 13.56 1.94
CA MET A 64 -8.08 12.76 2.18
C MET A 64 -9.32 13.46 1.65
N SER A 65 -9.32 14.79 1.69
CA SER A 65 -10.44 15.57 1.18
C SER A 65 -10.55 15.42 -0.34
N THR A 66 -9.41 15.40 -1.01
CA THR A 66 -9.37 15.24 -2.47
C THR A 66 -9.88 13.86 -2.88
N ILE A 67 -9.41 12.80 -2.21
CA ILE A 67 -9.83 11.44 -2.53
C ILE A 67 -11.33 11.29 -2.28
N LYS A 68 -11.84 11.97 -1.25
CA LYS A 68 -13.25 11.92 -0.89
C LYS A 68 -14.13 12.48 -2.01
N SER A 69 -13.67 13.54 -2.66
CA SER A 69 -14.43 14.20 -3.72
C SER A 69 -14.57 13.32 -4.96
N LYS A 70 -13.51 12.58 -5.28
CA LYS A 70 -13.52 11.71 -6.45
C LYS A 70 -14.56 10.61 -6.27
N LEU A 71 -14.70 10.17 -5.02
CA LEU A 71 -15.66 9.13 -4.66
C LEU A 71 -17.08 9.60 -4.93
N GLU A 72 -17.42 10.77 -4.40
CA GLU A 72 -18.74 11.36 -4.59
C GLU A 72 -18.96 11.63 -6.08
N ALA A 73 -17.86 11.88 -6.80
CA ALA A 73 -17.92 12.09 -8.23
C ALA A 73 -17.89 10.80 -9.02
N ARG A 74 -17.85 9.67 -8.31
CA ARG A 74 -17.78 8.35 -8.95
C ARG A 74 -16.64 8.33 -9.98
N GLU A 75 -15.59 9.07 -9.68
CA GLU A 75 -14.48 9.26 -10.61
C GLU A 75 -13.51 8.09 -10.53
N TYR A 76 -13.58 7.36 -9.42
CA TYR A 76 -12.76 6.17 -9.23
C TYR A 76 -13.39 4.97 -9.95
N ARG A 77 -12.63 4.29 -10.80
CA ARG A 77 -13.15 3.12 -11.48
C ARG A 77 -13.42 2.02 -10.45
N ASP A 78 -12.42 1.76 -9.62
CA ASP A 78 -12.50 0.73 -8.59
C ASP A 78 -11.61 1.06 -7.40
N ALA A 79 -11.61 0.16 -6.41
CA ALA A 79 -10.86 0.37 -5.17
C ALA A 79 -9.37 0.51 -5.43
N GLN A 80 -8.88 -0.18 -6.45
CA GLN A 80 -7.46 -0.15 -6.78
C GLN A 80 -7.07 1.26 -7.19
N GLU A 81 -7.98 1.95 -7.88
CA GLU A 81 -7.79 3.35 -8.18
C GLU A 81 -7.86 4.12 -6.86
N PHE A 82 -8.83 3.74 -6.04
CA PHE A 82 -9.06 4.36 -4.75
C PHE A 82 -7.87 4.20 -3.81
N GLY A 83 -7.34 2.99 -3.75
CA GLY A 83 -6.19 2.69 -2.92
C GLY A 83 -4.96 3.42 -3.40
N ALA A 84 -4.94 3.74 -4.69
CA ALA A 84 -3.78 4.38 -5.30
C ALA A 84 -3.63 5.82 -4.82
N ASP A 85 -4.74 6.55 -4.80
CA ASP A 85 -4.73 7.94 -4.34
C ASP A 85 -4.32 8.02 -2.87
N VAL A 86 -4.83 7.10 -2.07
CA VAL A 86 -4.47 7.00 -0.66
C VAL A 86 -2.97 6.73 -0.50
N ARG A 87 -2.50 5.65 -1.10
CA ARG A 87 -1.08 5.32 -1.07
C ARG A 87 -0.27 6.40 -1.77
N LEU A 88 -0.93 7.15 -2.64
CA LEU A 88 -0.34 8.34 -3.24
C LEU A 88 -0.16 9.42 -2.18
N MET A 89 -1.14 9.53 -1.28
CA MET A 89 -1.09 10.52 -0.20
C MET A 89 0.11 10.27 0.69
N PHE A 90 0.28 9.03 1.12
CA PHE A 90 1.32 8.65 2.06
C PHE A 90 2.71 8.76 1.43
N SER A 91 2.86 8.19 0.23
CA SER A 91 4.15 8.14 -0.45
C SER A 91 4.79 9.52 -0.54
N ASN A 92 3.96 10.53 -0.72
CA ASN A 92 4.43 11.92 -0.72
C ASN A 92 5.02 12.30 0.63
N CYS A 93 4.36 11.86 1.70
CA CYS A 93 4.86 12.08 3.06
C CYS A 93 6.22 11.40 3.18
N TYR A 94 6.32 10.23 2.58
CA TYR A 94 7.58 9.49 2.55
C TYR A 94 8.57 10.13 1.58
N LYS A 95 8.08 10.52 0.40
CA LYS A 95 8.93 11.09 -0.64
C LYS A 95 9.55 12.44 -0.26
N TYR A 96 8.78 13.27 0.42
CA TYR A 96 9.22 14.62 0.73
C TYR A 96 10.15 14.66 1.94
N ASN A 97 9.72 14.03 3.03
CA ASN A 97 10.43 14.15 4.30
C ASN A 97 11.34 12.99 4.67
N PRO A 98 12.24 13.24 5.64
CA PRO A 98 13.16 12.24 6.19
C PRO A 98 12.41 11.18 6.99
N PRO A 99 13.06 10.03 7.22
CA PRO A 99 12.46 8.87 7.89
C PRO A 99 12.06 9.15 9.33
N ASP A 100 12.94 9.83 10.07
CA ASP A 100 12.75 10.03 11.50
C ASP A 100 11.75 11.15 11.83
N HIS A 101 11.12 11.71 10.81
CA HIS A 101 10.20 12.82 11.04
C HIS A 101 8.88 12.34 11.64
N GLU A 102 8.21 13.22 12.36
CA GLU A 102 6.96 12.87 13.03
C GLU A 102 5.82 12.63 12.04
N VAL A 103 5.77 13.43 10.99
CA VAL A 103 4.66 13.36 10.03
C VAL A 103 4.66 12.01 9.34
N VAL A 104 5.85 11.42 9.19
CA VAL A 104 5.98 10.08 8.63
C VAL A 104 5.36 9.10 9.61
N ALA A 105 5.67 9.28 10.88
CA ALA A 105 5.13 8.44 11.94
C ALA A 105 3.60 8.54 11.99
N MET A 106 3.08 9.75 11.78
CA MET A 106 1.64 9.97 11.71
C MET A 106 1.08 9.29 10.47
N ALA A 107 1.82 9.35 9.38
CA ALA A 107 1.41 8.75 8.12
C ALA A 107 1.35 7.23 8.25
N ARG A 108 2.35 6.67 8.92
CA ARG A 108 2.47 5.22 9.05
C ARG A 108 1.32 4.62 9.87
N LYS A 109 1.05 5.21 11.04
CA LYS A 109 -0.04 4.73 11.88
C LYS A 109 -1.40 4.90 11.20
N LEU A 110 -1.52 5.91 10.34
CA LEU A 110 -2.73 6.09 9.55
C LEU A 110 -2.82 5.04 8.45
N GLN A 111 -1.69 4.76 7.83
CA GLN A 111 -1.61 3.78 6.75
C GLN A 111 -1.90 2.38 7.30
N ASP A 112 -1.50 2.16 8.56
CA ASP A 112 -1.70 0.87 9.21
C ASP A 112 -3.19 0.56 9.34
N VAL A 113 -3.97 1.57 9.70
CA VAL A 113 -5.42 1.45 9.77
C VAL A 113 -6.00 1.17 8.39
N PHE A 114 -5.46 1.86 7.39
CA PHE A 114 -5.94 1.73 6.01
C PHE A 114 -5.77 0.31 5.48
N GLU A 115 -4.55 -0.19 5.48
CA GLU A 115 -4.24 -1.50 4.93
C GLU A 115 -5.05 -2.62 5.57
N MET A 116 -5.37 -2.49 6.84
CA MET A 116 -6.09 -3.53 7.55
C MET A 116 -7.52 -3.68 7.01
N ARG A 117 -8.28 -2.59 7.05
CA ARG A 117 -9.66 -2.62 6.54
C ARG A 117 -9.65 -2.85 5.03
N PHE A 118 -8.71 -2.22 4.36
CA PHE A 118 -8.62 -2.27 2.90
C PHE A 118 -8.34 -3.68 2.41
N ALA A 119 -7.39 -4.35 3.06
CA ALA A 119 -7.00 -5.69 2.65
C ALA A 119 -8.07 -6.70 3.02
N LYS A 120 -8.88 -6.37 4.02
CA LYS A 120 -9.91 -7.29 4.48
C LYS A 120 -11.25 -7.08 3.76
N MET A 121 -11.19 -6.48 2.57
CA MET A 121 -12.34 -6.46 1.68
C MET A 121 -12.43 -7.84 1.04
N PRO A 122 -13.65 -8.32 0.77
CA PRO A 122 -13.85 -9.66 0.21
C PRO A 122 -13.27 -9.81 -1.20
N LYS B 13 15.38 3.99 -19.32
CA LYS B 13 15.62 4.83 -18.15
C LYS B 13 14.78 4.37 -16.95
N VAL B 14 13.51 4.07 -17.20
CA VAL B 14 12.63 3.50 -16.19
C VAL B 14 13.22 2.20 -15.65
N SER B 15 14.06 1.55 -16.47
CA SER B 15 14.82 0.37 -16.06
C SER B 15 15.63 0.65 -14.80
N GLU B 16 16.21 1.84 -14.72
CA GLU B 16 17.00 2.25 -13.56
C GLU B 16 16.13 2.20 -12.31
N GLN B 17 14.82 2.32 -12.51
CA GLN B 17 13.85 2.11 -11.43
C GLN B 17 13.88 0.63 -11.11
N LEU B 18 13.66 -0.20 -12.13
CA LEU B 18 13.63 -1.65 -11.97
C LEU B 18 14.95 -2.13 -11.36
N LYS B 19 16.04 -1.43 -11.68
CA LYS B 19 17.32 -1.66 -11.02
C LYS B 19 17.21 -1.19 -9.57
N CYS B 20 16.56 -0.04 -9.38
CA CYS B 20 16.36 0.53 -8.05
C CYS B 20 15.33 -0.28 -7.27
N CYS B 21 14.35 -0.82 -7.98
CA CYS B 21 13.36 -1.70 -7.37
C CYS B 21 14.07 -2.89 -6.72
N SER B 22 15.22 -3.26 -7.28
CA SER B 22 16.04 -4.34 -6.74
C SER B 22 16.59 -4.00 -5.35
N GLY B 23 17.51 -3.03 -5.32
CA GLY B 23 18.21 -2.66 -4.11
C GLY B 23 17.32 -2.48 -2.89
N ILE B 24 16.09 -2.06 -3.12
CA ILE B 24 15.06 -2.03 -2.09
C ILE B 24 14.89 -3.44 -1.55
N LEU B 25 14.54 -4.36 -2.46
CA LEU B 25 14.36 -5.77 -2.13
C LEU B 25 15.61 -6.37 -1.51
N LYS B 26 16.77 -5.95 -1.98
CA LYS B 26 18.04 -6.44 -1.46
C LYS B 26 18.19 -6.07 0.01
N GLU B 27 17.69 -4.88 0.37
CA GLU B 27 17.66 -4.45 1.75
C GLU B 27 16.53 -5.12 2.50
N MET B 28 15.45 -5.44 1.80
CA MET B 28 14.30 -6.09 2.42
C MET B 28 14.70 -7.48 2.89
N PHE B 29 15.73 -8.04 2.26
CA PHE B 29 16.29 -9.32 2.68
C PHE B 29 17.35 -9.14 3.76
N ALA B 30 17.66 -7.89 4.11
CA ALA B 30 18.77 -7.62 5.02
C ALA B 30 18.58 -8.31 6.36
N LYS B 31 19.69 -8.61 7.02
CA LYS B 31 19.69 -9.33 8.28
C LYS B 31 19.10 -8.48 9.41
N LYS B 32 19.31 -7.17 9.34
CA LYS B 32 18.75 -6.28 10.33
C LYS B 32 17.24 -6.34 10.25
N HIS B 33 16.74 -6.59 9.04
CA HIS B 33 15.31 -6.66 8.81
C HIS B 33 14.86 -8.12 8.85
N ALA B 34 15.81 -9.00 9.12
CA ALA B 34 15.52 -10.42 9.21
C ALA B 34 14.56 -10.69 10.35
N ALA B 35 14.65 -9.86 11.38
CA ALA B 35 13.86 -10.04 12.59
C ALA B 35 12.36 -10.02 12.30
N TYR B 36 11.98 -9.44 11.18
CA TYR B 36 10.57 -9.40 10.79
C TYR B 36 10.34 -9.69 9.31
N ALA B 37 11.41 -9.96 8.56
CA ALA B 37 11.27 -10.25 7.14
C ALA B 37 11.27 -11.76 6.87
N TRP B 38 11.76 -12.54 7.83
CA TRP B 38 12.01 -13.96 7.60
C TRP B 38 10.75 -14.76 7.30
N PRO B 39 9.60 -14.38 7.89
CA PRO B 39 8.43 -15.17 7.51
C PRO B 39 8.07 -14.95 6.05
N PHE B 40 8.40 -13.76 5.55
CA PHE B 40 7.99 -13.36 4.22
C PHE B 40 9.08 -13.69 3.21
N TYR B 41 10.11 -14.39 3.66
CA TYR B 41 11.21 -14.82 2.80
C TYR B 41 10.74 -15.87 1.79
N LYS B 42 10.02 -16.87 2.27
CA LYS B 42 9.54 -17.95 1.42
C LYS B 42 8.03 -18.09 1.48
N PRO B 43 7.44 -18.73 0.45
CA PRO B 43 6.01 -18.99 0.36
C PRO B 43 5.49 -19.71 1.61
N VAL B 44 4.27 -19.38 2.02
CA VAL B 44 3.67 -19.97 3.21
C VAL B 44 3.37 -21.46 2.99
N ASP B 45 3.85 -22.31 3.90
CA ASP B 45 3.60 -23.75 3.82
C ASP B 45 2.28 -24.11 4.51
N VAL B 46 1.21 -24.12 3.73
CA VAL B 46 -0.12 -24.46 4.25
C VAL B 46 -0.10 -25.81 4.96
N GLU B 47 0.71 -26.74 4.46
CA GLU B 47 0.84 -28.04 5.10
C GLU B 47 1.59 -27.95 6.42
N ALA B 48 2.82 -27.45 6.36
CA ALA B 48 3.65 -27.31 7.55
C ALA B 48 3.02 -26.36 8.55
N LEU B 49 2.35 -25.33 8.04
CA LEU B 49 1.68 -24.36 8.89
C LEU B 49 0.24 -24.76 9.20
N GLY B 50 -0.25 -25.78 8.48
CA GLY B 50 -1.58 -26.31 8.71
C GLY B 50 -2.67 -25.30 8.38
N LEU B 51 -2.31 -24.30 7.57
CA LEU B 51 -3.24 -23.23 7.22
C LEU B 51 -4.26 -23.77 6.21
N HIS B 52 -5.28 -24.45 6.74
CA HIS B 52 -6.25 -25.18 5.93
C HIS B 52 -7.00 -24.29 4.93
N ASP B 53 -7.29 -23.06 5.34
CA ASP B 53 -8.14 -22.19 4.56
C ASP B 53 -7.36 -21.07 3.90
N TYR B 54 -6.05 -21.06 4.09
CA TYR B 54 -5.19 -20.04 3.48
C TYR B 54 -5.32 -20.10 1.97
N CYS B 55 -5.55 -21.30 1.45
CA CYS B 55 -5.76 -21.51 0.03
C CYS B 55 -7.18 -21.11 -0.33
N ASP B 56 -8.10 -21.33 0.60
CA ASP B 56 -9.51 -21.01 0.40
C ASP B 56 -9.69 -19.50 0.34
N ILE B 57 -8.81 -18.77 1.02
CA ILE B 57 -8.86 -17.32 1.08
C ILE B 57 -7.89 -16.63 0.12
N ILE B 58 -6.60 -16.93 0.28
CA ILE B 58 -5.54 -16.25 -0.47
C ILE B 58 -5.50 -16.66 -1.94
N LYS B 59 -6.09 -15.83 -2.79
CA LYS B 59 -6.14 -16.11 -4.23
C LYS B 59 -4.79 -15.86 -4.89
N HIS B 60 -3.94 -15.07 -4.24
CA HIS B 60 -2.66 -14.70 -4.81
C HIS B 60 -1.58 -14.53 -3.76
N PRO B 61 -1.04 -15.65 -3.24
CA PRO B 61 0.03 -15.55 -2.25
C PRO B 61 1.29 -14.96 -2.89
N MET B 62 2.13 -14.33 -2.08
CA MET B 62 3.38 -13.80 -2.62
C MET B 62 4.48 -13.84 -1.57
N ASP B 63 5.71 -13.97 -2.05
CA ASP B 63 6.87 -13.99 -1.17
C ASP B 63 7.98 -13.12 -1.77
N MET B 64 8.96 -12.77 -0.95
CA MET B 64 10.07 -11.95 -1.40
C MET B 64 10.94 -12.73 -2.39
N SER B 65 11.01 -14.04 -2.18
CA SER B 65 11.78 -14.92 -3.06
C SER B 65 11.18 -15.04 -4.45
N THR B 66 9.85 -15.12 -4.52
CA THR B 66 9.15 -15.19 -5.79
C THR B 66 9.33 -13.89 -6.58
N ILE B 67 9.18 -12.77 -5.87
CA ILE B 67 9.35 -11.46 -6.49
C ILE B 67 10.78 -11.30 -7.00
N LYS B 68 11.74 -11.84 -6.26
CA LYS B 68 13.13 -11.81 -6.68
C LYS B 68 13.29 -12.58 -7.98
N SER B 69 12.57 -13.70 -8.08
CA SER B 69 12.66 -14.55 -9.25
C SER B 69 12.08 -13.83 -10.47
N LYS B 70 11.00 -13.08 -10.24
CA LYS B 70 10.32 -12.35 -11.31
C LYS B 70 11.19 -11.21 -11.85
N LEU B 71 11.94 -10.57 -10.97
CA LEU B 71 12.82 -9.45 -11.35
C LEU B 71 13.93 -9.91 -12.29
N GLU B 72 14.69 -10.91 -11.83
CA GLU B 72 15.76 -11.49 -12.63
C GLU B 72 15.19 -12.14 -13.88
N ALA B 73 13.94 -12.59 -13.78
CA ALA B 73 13.24 -13.17 -14.91
C ALA B 73 12.67 -12.05 -15.77
N ARG B 74 12.98 -10.81 -15.36
CA ARG B 74 12.57 -9.59 -16.05
C ARG B 74 11.08 -9.58 -16.39
N GLU B 75 10.28 -10.21 -15.53
CA GLU B 75 8.85 -10.35 -15.79
C GLU B 75 8.07 -9.13 -15.34
N TYR B 76 8.68 -8.31 -14.50
CA TYR B 76 8.01 -7.09 -14.05
C TYR B 76 8.08 -6.01 -15.14
N ARG B 77 6.91 -5.53 -15.53
CA ARG B 77 6.78 -4.51 -16.58
C ARG B 77 7.35 -3.16 -16.14
N ASP B 78 6.95 -2.70 -14.95
CA ASP B 78 7.39 -1.41 -14.45
C ASP B 78 7.44 -1.37 -12.92
N ALA B 79 7.85 -0.23 -12.38
CA ALA B 79 8.00 -0.08 -10.93
C ALA B 79 6.66 -0.26 -10.22
N GLN B 80 5.58 0.12 -10.87
CA GLN B 80 4.24 0.02 -10.32
C GLN B 80 3.84 -1.43 -10.10
N GLU B 81 4.28 -2.30 -11.01
CA GLU B 81 4.06 -3.75 -10.87
C GLU B 81 4.82 -4.34 -9.69
N PHE B 82 6.07 -3.95 -9.55
CA PHE B 82 6.93 -4.52 -8.51
C PHE B 82 6.37 -4.23 -7.11
N GLY B 83 5.93 -3.00 -6.89
CA GLY B 83 5.37 -2.62 -5.61
C GLY B 83 4.07 -3.32 -5.31
N ALA B 84 3.37 -3.73 -6.35
CA ALA B 84 2.07 -4.38 -6.21
C ALA B 84 2.20 -5.79 -5.62
N ASP B 85 3.18 -6.54 -6.11
CA ASP B 85 3.42 -7.90 -5.61
C ASP B 85 3.79 -7.85 -4.14
N VAL B 86 4.62 -6.87 -3.79
CA VAL B 86 5.01 -6.62 -2.41
C VAL B 86 3.77 -6.25 -1.60
N ARG B 87 3.06 -5.23 -2.03
CA ARG B 87 1.84 -4.80 -1.37
C ARG B 87 0.77 -5.89 -1.43
N LEU B 88 0.87 -6.77 -2.42
CA LEU B 88 0.04 -7.97 -2.43
C LEU B 88 0.48 -8.94 -1.34
N MET B 89 1.80 -9.04 -1.14
CA MET B 89 2.36 -9.94 -0.15
C MET B 89 1.83 -9.59 1.24
N PHE B 90 1.88 -8.31 1.59
CA PHE B 90 1.46 -7.85 2.91
C PHE B 90 -0.04 -8.00 3.13
N SER B 91 -0.84 -7.50 2.19
CA SER B 91 -2.29 -7.48 2.31
C SER B 91 -2.83 -8.85 2.67
N ASN B 92 -2.20 -9.88 2.13
CA ASN B 92 -2.54 -11.27 2.44
C ASN B 92 -2.34 -11.57 3.92
N CYS B 93 -1.23 -11.09 4.47
CA CYS B 93 -0.96 -11.22 5.90
C CYS B 93 -2.04 -10.49 6.70
N TYR B 94 -2.43 -9.32 6.18
CA TYR B 94 -3.47 -8.51 6.78
C TYR B 94 -4.85 -9.13 6.56
N LYS B 95 -5.08 -9.59 5.34
CA LYS B 95 -6.37 -10.16 4.97
C LYS B 95 -6.65 -11.45 5.73
N TYR B 96 -5.60 -12.24 5.96
CA TYR B 96 -5.77 -13.55 6.57
C TYR B 96 -5.90 -13.48 8.10
N ASN B 97 -5.00 -12.75 8.74
CA ASN B 97 -4.92 -12.77 10.20
C ASN B 97 -5.63 -11.62 10.89
N PRO B 98 -5.91 -11.78 12.20
CA PRO B 98 -6.51 -10.73 13.01
C PRO B 98 -5.53 -9.58 13.27
N PRO B 99 -6.07 -8.41 13.64
CA PRO B 99 -5.27 -7.19 13.87
C PRO B 99 -4.26 -7.37 14.99
N ASP B 100 -4.69 -8.01 16.07
CA ASP B 100 -3.87 -8.13 17.27
C ASP B 100 -2.80 -9.21 17.12
N HIS B 101 -2.71 -9.80 15.94
CA HIS B 101 -1.77 -10.88 15.70
C HIS B 101 -0.34 -10.40 15.57
N GLU B 102 0.60 -11.28 15.88
CA GLU B 102 2.03 -10.97 15.86
C GLU B 102 2.60 -10.75 14.45
N VAL B 103 2.18 -11.59 13.51
CA VAL B 103 2.76 -11.58 12.16
C VAL B 103 2.49 -10.29 11.39
N VAL B 104 1.36 -9.65 11.69
CA VAL B 104 0.99 -8.39 11.04
C VAL B 104 1.97 -7.28 11.40
N ALA B 105 2.32 -7.19 12.69
CA ALA B 105 3.28 -6.20 13.16
C ALA B 105 4.62 -6.41 12.49
N MET B 106 4.97 -7.68 12.28
CA MET B 106 6.19 -8.03 11.57
C MET B 106 6.06 -7.61 10.12
N ALA B 107 4.86 -7.79 9.57
CA ALA B 107 4.60 -7.45 8.18
C ALA B 107 4.65 -5.95 7.96
N ARG B 108 4.04 -5.20 8.87
CA ARG B 108 3.94 -3.75 8.77
C ARG B 108 5.29 -3.05 8.86
N LYS B 109 6.12 -3.44 9.83
CA LYS B 109 7.46 -2.86 9.95
C LYS B 109 8.31 -3.18 8.72
N LEU B 110 8.00 -4.30 8.06
CA LEU B 110 8.65 -4.65 6.80
C LEU B 110 8.18 -3.72 5.70
N GLN B 111 6.88 -3.42 5.70
CA GLN B 111 6.29 -2.52 4.71
C GLN B 111 6.82 -1.09 4.90
N ASP B 112 7.09 -0.73 6.16
CA ASP B 112 7.59 0.60 6.48
C ASP B 112 8.94 0.88 5.82
N VAL B 113 9.83 -0.12 5.88
CA VAL B 113 11.11 -0.01 5.19
C VAL B 113 10.83 0.06 3.69
N PHE B 114 9.88 -0.76 3.25
CA PHE B 114 9.50 -0.82 1.85
C PHE B 114 8.96 0.51 1.34
N GLU B 115 7.87 0.97 1.95
CA GLU B 115 7.23 2.20 1.52
C GLU B 115 8.19 3.39 1.59
N MET B 116 9.08 3.35 2.57
CA MET B 116 10.04 4.43 2.77
C MET B 116 11.05 4.49 1.63
N ARG B 117 11.74 3.38 1.39
CA ARG B 117 12.74 3.31 0.33
C ARG B 117 12.07 3.44 -1.03
N PHE B 118 10.89 2.86 -1.16
CA PHE B 118 10.17 2.82 -2.43
C PHE B 118 9.80 4.22 -2.91
N ALA B 119 9.30 5.04 -2.00
CA ALA B 119 8.86 6.38 -2.37
C ALA B 119 10.03 7.31 -2.69
N LYS B 120 11.19 7.03 -2.09
CA LYS B 120 12.38 7.84 -2.32
C LYS B 120 13.20 7.25 -3.47
N MET B 121 12.53 6.47 -4.31
CA MET B 121 13.12 5.95 -5.53
C MET B 121 13.24 7.06 -6.56
N PRO B 122 14.28 7.00 -7.41
CA PRO B 122 14.53 8.03 -8.42
C PRO B 122 13.44 8.10 -9.49
N ASP B 123 12.59 9.11 -9.39
CA ASP B 123 11.55 9.38 -10.40
C ASP B 123 10.64 10.51 -9.93
#